data_5KJK
#
_entry.id   5KJK
#
_cell.length_a   155.865
_cell.length_b   155.865
_cell.length_c   52.477
_cell.angle_alpha   90.00
_cell.angle_beta   90.00
_cell.angle_gamma   90.00
#
_symmetry.space_group_name_H-M   'I 4'
#
loop_
_entity.id
_entity.type
_entity.pdbx_description
1 polymer 'N-lysine methyltransferase SMYD2'
2 non-polymer S-ADENOSYLMETHIONINE
3 non-polymer (R,R)-2,3-BUTANEDIOL
4 non-polymer 2-[2-[1-[2-(3,4-dichlorophenyl)ethyl]azetidin-3-yl]oxyphenyl]-~{N}-(3-pyrrolidin-1-ylpropyl)pyridine-4-carboxamide
5 non-polymer 'ZINC ION'
6 water water
#
_entity_poly.entity_id   1
_entity_poly.type   'polypeptide(L)'
_entity_poly.pdbx_seq_one_letter_code
;GLGGLERFCSPGKGRGLRALQPFQVGDLLFSCPAYAYVLTVNERGNHCEYCFTRKEGLSKCGRCKQAFYCNVECQKEDWP
MHKLECSPMVVFGENWNPSETVRLTARILAKQKIHPERTPSEKLLAVKEFESHLDKLDNEKKDLIQSDIAALHHFYSKHL
EFPDNDSLVVLFAQVNCNGFTIEDEELSHLGSAIFPDVALMNHSCCPNVIVTYKGTLAEVRAVQEIKPGEEVFTSYIDLL
YPTEDRNDRLRDSYFFTCECQECTTKDKDKAKVEIRKLSDPPKAEAIRDMVRYARNVIEEFRRAKHYKSPSELLEICELS
QEKMSSVFEDSNVYMLHMMYQAMGVCLYMQDWEGALQYGQKIIKPYSKHYPLYSLNVASMWLKLGRLYMGLEHKAAGEKA
LKKAIAIMEVAHGKDHPYISEIKQEIESH
;
_entity_poly.pdbx_strand_id   A
#
# COMPACT_ATOMS: atom_id res chain seq x y z
N GLY A 1 22.40 -11.84 -10.69
CA GLY A 1 21.62 -11.53 -9.49
C GLY A 1 21.81 -10.12 -8.96
N LEU A 2 21.75 -9.95 -7.61
CA LEU A 2 21.93 -8.66 -6.91
C LEU A 2 23.06 -8.80 -5.92
N GLY A 3 24.08 -7.93 -6.02
CA GLY A 3 25.23 -7.92 -5.11
C GLY A 3 24.86 -7.91 -3.63
N GLY A 4 25.56 -8.74 -2.85
CA GLY A 4 25.32 -8.90 -1.42
C GLY A 4 24.04 -9.64 -1.04
N LEU A 5 23.33 -10.20 -2.01
CA LEU A 5 22.08 -10.91 -1.76
C LEU A 5 21.98 -12.15 -2.65
N GLU A 6 21.03 -13.05 -2.32
CA GLU A 6 20.76 -14.22 -3.14
C GLU A 6 19.38 -14.80 -2.88
N ARG A 7 18.84 -15.45 -3.88
CA ARG A 7 17.62 -16.21 -3.81
C ARG A 7 17.99 -17.55 -3.15
N PHE A 8 17.09 -18.08 -2.31
CA PHE A 8 17.26 -19.36 -1.64
C PHE A 8 15.89 -19.98 -1.36
N CYS A 9 15.90 -21.24 -0.89
CA CYS A 9 14.70 -21.96 -0.48
C CYS A 9 14.54 -21.78 1.00
N SER A 10 13.51 -21.01 1.38
CA SER A 10 13.17 -20.67 2.76
C SER A 10 12.23 -21.76 3.28
N PRO A 11 12.68 -22.60 4.25
CA PRO A 11 11.83 -23.72 4.73
C PRO A 11 10.44 -23.28 5.18
N GLY A 12 9.41 -23.85 4.55
CA GLY A 12 8.03 -23.50 4.85
C GLY A 12 7.56 -22.17 4.28
N LYS A 13 8.43 -21.47 3.50
CA LYS A 13 8.11 -20.15 2.91
C LYS A 13 8.50 -20.06 1.43
N GLY A 14 8.65 -21.21 0.77
CA GLY A 14 8.99 -21.32 -0.64
C GLY A 14 10.32 -20.68 -0.95
N ARG A 15 10.38 -19.81 -1.96
CA ARG A 15 11.62 -19.12 -2.29
C ARG A 15 11.69 -17.79 -1.52
N GLY A 16 12.88 -17.39 -1.13
CA GLY A 16 13.06 -16.13 -0.44
C GLY A 16 14.36 -15.43 -0.79
N LEU A 17 14.58 -14.30 -0.13
CA LEU A 17 15.77 -13.51 -0.34
C LEU A 17 16.63 -13.58 0.92
N ARG A 18 17.93 -13.88 0.75
CA ARG A 18 18.89 -14.01 1.84
C ARG A 18 20.07 -13.04 1.67
N ALA A 19 20.53 -12.46 2.80
CA ALA A 19 21.67 -11.55 2.84
C ALA A 19 22.98 -12.31 2.81
N LEU A 20 23.97 -11.76 2.08
CA LEU A 20 25.32 -12.35 1.99
C LEU A 20 26.35 -11.37 2.56
N GLN A 21 25.88 -10.22 3.00
CA GLN A 21 26.71 -9.17 3.58
C GLN A 21 25.89 -8.47 4.67
N PRO A 22 26.53 -7.76 5.62
CA PRO A 22 25.74 -7.03 6.60
C PRO A 22 25.05 -5.79 5.99
N PHE A 23 23.87 -5.45 6.49
CA PHE A 23 23.16 -4.24 6.13
C PHE A 23 22.83 -3.51 7.44
N GLN A 24 23.09 -2.20 7.50
CA GLN A 24 22.81 -1.40 8.69
C GLN A 24 21.47 -0.69 8.48
N VAL A 25 20.82 -0.24 9.56
CA VAL A 25 19.55 0.49 9.49
C VAL A 25 19.74 1.66 8.49
N GLY A 26 18.82 1.78 7.54
CA GLY A 26 18.86 2.82 6.55
C GLY A 26 19.60 2.49 5.26
N ASP A 27 20.36 1.38 5.24
CA ASP A 27 21.09 1.01 4.01
C ASP A 27 20.10 0.54 2.93
N LEU A 28 20.36 0.91 1.68
CA LEU A 28 19.65 0.46 0.48
C LEU A 28 20.21 -0.94 0.11
N LEU A 29 19.35 -1.98 0.18
CA LEU A 29 19.75 -3.34 -0.16
C LEU A 29 19.80 -3.42 -1.66
N PHE A 30 18.73 -2.90 -2.33
CA PHE A 30 18.59 -2.90 -3.77
C PHE A 30 17.41 -2.04 -4.21
N SER A 31 17.40 -1.75 -5.51
CA SER A 31 16.40 -0.98 -6.25
C SER A 31 15.80 -1.89 -7.29
N CYS A 32 14.55 -1.65 -7.68
CA CYS A 32 13.94 -2.49 -8.71
C CYS A 32 13.09 -1.64 -9.64
N PRO A 33 13.44 -1.49 -10.93
CA PRO A 33 12.58 -0.71 -11.84
C PRO A 33 11.27 -1.45 -12.08
N ALA A 34 10.14 -0.72 -12.16
CA ALA A 34 8.85 -1.38 -12.38
C ALA A 34 8.89 -2.17 -13.69
N TYR A 35 8.43 -3.42 -13.62
CA TYR A 35 8.35 -4.27 -14.81
C TYR A 35 7.12 -3.80 -15.61
N ALA A 36 6.00 -3.55 -14.92
CA ALA A 36 4.74 -3.01 -15.50
C ALA A 36 4.14 -2.16 -14.40
N TYR A 37 3.44 -1.09 -14.76
CA TYR A 37 2.86 -0.16 -13.77
C TYR A 37 1.76 0.65 -14.38
N VAL A 38 0.87 1.11 -13.53
CA VAL A 38 -0.25 1.90 -13.99
C VAL A 38 -0.57 3.01 -12.99
N LEU A 39 -0.75 4.26 -13.48
CA LEU A 39 -1.14 5.34 -12.57
C LEU A 39 -2.66 5.18 -12.32
N THR A 40 -3.09 5.23 -11.04
CA THR A 40 -4.50 5.13 -10.69
C THR A 40 -5.32 6.27 -11.35
N VAL A 41 -6.57 5.96 -11.77
CA VAL A 41 -7.48 6.91 -12.42
C VAL A 41 -7.60 8.26 -11.66
N ASN A 42 -7.84 8.22 -10.34
CA ASN A 42 -8.02 9.42 -9.52
C ASN A 42 -6.78 10.33 -9.39
N GLU A 43 -5.60 9.86 -9.83
CA GLU A 43 -4.38 10.67 -9.75
C GLU A 43 -3.97 11.27 -11.09
N ARG A 44 -4.75 11.00 -12.15
CA ARG A 44 -4.52 11.54 -13.49
C ARG A 44 -4.67 13.07 -13.41
N GLY A 45 -3.70 13.77 -13.98
CA GLY A 45 -3.64 15.23 -13.94
C GLY A 45 -2.72 15.72 -12.82
N ASN A 46 -2.42 14.85 -11.81
CA ASN A 46 -1.56 15.20 -10.67
C ASN A 46 -0.16 14.66 -10.82
N HIS A 47 -0.03 13.49 -11.44
CA HIS A 47 1.23 12.81 -11.65
C HIS A 47 1.37 12.47 -13.09
N CYS A 48 2.62 12.47 -13.57
CA CYS A 48 2.93 12.05 -14.91
C CYS A 48 2.70 10.53 -15.02
N GLU A 49 1.99 10.14 -16.07
CA GLU A 49 1.64 8.77 -16.42
C GLU A 49 2.93 7.92 -16.54
N TYR A 50 3.98 8.46 -17.20
CA TYR A 50 5.21 7.72 -17.48
C TYR A 50 6.17 7.55 -16.31
N CYS A 51 6.51 8.65 -15.62
CA CYS A 51 7.50 8.62 -14.55
C CYS A 51 6.94 8.86 -13.12
N PHE A 52 5.62 9.14 -13.00
CA PHE A 52 4.91 9.38 -11.72
C PHE A 52 5.35 10.68 -10.99
N THR A 53 6.04 11.59 -11.67
CA THR A 53 6.46 12.89 -11.09
C THR A 53 5.21 13.68 -10.78
N ARG A 54 5.08 14.17 -9.54
CA ARG A 54 3.97 15.00 -9.13
C ARG A 54 4.38 16.45 -9.45
N LYS A 55 3.63 17.10 -10.35
CA LYS A 55 3.95 18.43 -10.88
C LYS A 55 2.68 19.16 -11.31
N GLU A 56 2.75 20.51 -11.32
CA GLU A 56 1.70 21.37 -11.86
C GLU A 56 2.12 21.56 -13.32
N GLY A 57 1.18 21.90 -14.19
CA GLY A 57 1.47 22.12 -15.60
C GLY A 57 1.85 20.89 -16.41
N LEU A 58 1.25 19.73 -16.07
CA LEU A 58 1.47 18.50 -16.83
C LEU A 58 0.65 18.62 -18.13
N SER A 59 1.24 18.18 -19.26
CA SER A 59 0.65 18.21 -20.59
C SER A 59 -0.35 17.05 -20.78
N LYS A 60 -1.56 17.38 -21.23
CA LYS A 60 -2.68 16.46 -21.47
C LYS A 60 -2.53 15.77 -22.85
N CYS A 61 -2.79 14.43 -22.93
CA CYS A 61 -2.77 13.72 -24.23
C CYS A 61 -3.94 14.30 -25.01
N GLY A 62 -3.65 14.78 -26.21
CA GLY A 62 -4.62 15.44 -27.07
C GLY A 62 -5.77 14.59 -27.56
N ARG A 63 -5.58 13.27 -27.65
CA ARG A 63 -6.63 12.38 -28.15
C ARG A 63 -7.64 11.99 -27.09
N CYS A 64 -7.18 11.35 -26.00
CA CYS A 64 -8.08 10.88 -24.95
C CYS A 64 -8.39 11.97 -23.93
N LYS A 65 -7.46 12.93 -23.74
CA LYS A 65 -7.55 14.00 -22.73
C LYS A 65 -7.57 13.44 -21.29
N GLN A 66 -7.16 12.15 -21.13
CA GLN A 66 -7.20 11.44 -19.87
C GLN A 66 -5.86 10.78 -19.49
N ALA A 67 -4.76 11.36 -19.99
CA ALA A 67 -3.37 10.99 -19.66
C ALA A 67 -2.60 12.29 -19.65
N PHE A 68 -1.75 12.46 -18.63
CA PHE A 68 -0.96 13.70 -18.44
C PHE A 68 0.49 13.35 -18.28
N TYR A 69 1.36 14.19 -18.88
CA TYR A 69 2.80 13.98 -18.93
C TYR A 69 3.63 15.18 -18.59
N CYS A 70 4.90 14.96 -18.20
CA CYS A 70 5.86 16.04 -17.90
C CYS A 70 6.10 16.87 -19.16
N ASN A 71 6.29 16.17 -20.29
CA ASN A 71 6.66 16.72 -21.59
C ASN A 71 6.39 15.68 -22.68
N VAL A 72 6.82 15.98 -23.92
CA VAL A 72 6.67 15.12 -25.09
C VAL A 72 7.49 13.82 -24.97
N GLU A 73 8.61 13.81 -24.21
CA GLU A 73 9.42 12.60 -24.01
C GLU A 73 8.69 11.60 -23.15
N CYS A 74 8.14 12.03 -21.98
CA CYS A 74 7.35 11.17 -21.10
C CYS A 74 6.13 10.64 -21.91
N GLN A 75 5.46 11.52 -22.69
CA GLN A 75 4.33 11.13 -23.54
C GLN A 75 4.71 10.00 -24.51
N LYS A 76 5.82 10.19 -25.28
CA LYS A 76 6.35 9.25 -26.27
C LYS A 76 6.76 7.92 -25.63
N GLU A 77 7.51 7.99 -24.52
CA GLU A 77 7.97 6.79 -23.83
C GLU A 77 6.81 5.99 -23.24
N ASP A 78 5.71 6.65 -22.88
CA ASP A 78 4.54 5.96 -22.31
C ASP A 78 3.60 5.36 -23.37
N TRP A 79 3.68 5.82 -24.61
CA TRP A 79 2.80 5.40 -25.73
C TRP A 79 2.68 3.86 -25.90
N PRO A 80 3.76 3.03 -25.89
CA PRO A 80 3.55 1.56 -26.00
C PRO A 80 2.53 0.97 -24.99
N MET A 81 2.42 1.58 -23.80
CA MET A 81 1.47 1.17 -22.75
C MET A 81 0.18 1.99 -22.87
N HIS A 82 0.31 3.31 -23.04
CA HIS A 82 -0.85 4.18 -23.16
C HIS A 82 -1.78 3.86 -24.35
N LYS A 83 -1.21 3.31 -25.45
CA LYS A 83 -2.02 2.96 -26.61
C LYS A 83 -3.06 1.87 -26.30
N LEU A 84 -2.84 1.05 -25.26
CA LEU A 84 -3.81 0.04 -24.86
C LEU A 84 -5.12 0.67 -24.37
N GLU A 85 -5.06 1.92 -23.93
CA GLU A 85 -6.18 2.63 -23.36
C GLU A 85 -6.61 3.91 -24.06
N CYS A 86 -5.72 4.54 -24.85
CA CYS A 86 -6.00 5.83 -25.44
C CYS A 86 -7.31 5.89 -26.26
N SER A 87 -7.35 5.26 -27.45
CA SER A 87 -8.58 5.25 -28.25
C SER A 87 -9.74 4.51 -27.49
N PRO A 88 -9.53 3.34 -26.80
CA PRO A 88 -10.63 2.72 -26.03
C PRO A 88 -11.37 3.68 -25.08
N MET A 89 -10.65 4.53 -24.34
CA MET A 89 -11.28 5.53 -23.46
C MET A 89 -12.20 6.51 -24.20
N VAL A 90 -11.82 6.96 -25.41
CA VAL A 90 -12.72 7.90 -26.09
C VAL A 90 -13.89 7.11 -26.73
N VAL A 91 -13.64 5.86 -27.23
CA VAL A 91 -14.68 5.05 -27.86
C VAL A 91 -15.75 4.58 -26.82
N PHE A 92 -15.31 3.93 -25.73
CA PHE A 92 -16.21 3.46 -24.66
C PHE A 92 -16.78 4.62 -23.83
N GLY A 93 -16.09 5.77 -23.81
CA GLY A 93 -16.48 6.95 -23.05
C GLY A 93 -16.70 6.66 -21.57
N GLU A 94 -17.94 6.90 -21.09
CA GLU A 94 -18.39 6.66 -19.70
C GLU A 94 -18.36 5.17 -19.34
N ASN A 95 -18.50 4.29 -20.37
CA ASN A 95 -18.48 2.83 -20.21
C ASN A 95 -17.08 2.23 -20.00
N TRP A 96 -16.01 3.05 -20.10
CA TRP A 96 -14.65 2.57 -19.88
C TRP A 96 -14.40 2.48 -18.37
N ASN A 97 -14.44 1.26 -17.83
CA ASN A 97 -14.23 1.08 -16.40
C ASN A 97 -13.46 -0.21 -16.04
N PRO A 98 -12.35 -0.62 -16.73
CA PRO A 98 -11.64 -1.85 -16.27
C PRO A 98 -11.06 -1.63 -14.87
N SER A 99 -10.99 -2.68 -14.05
CA SER A 99 -10.39 -2.56 -12.71
C SER A 99 -8.88 -2.32 -12.82
N GLU A 100 -8.27 -1.74 -11.79
CA GLU A 100 -6.82 -1.47 -11.80
C GLU A 100 -5.98 -2.75 -12.07
N THR A 101 -6.39 -3.89 -11.48
CA THR A 101 -5.74 -5.19 -11.71
C THR A 101 -5.75 -5.58 -13.20
N VAL A 102 -6.89 -5.37 -13.87
CA VAL A 102 -7.04 -5.64 -15.31
C VAL A 102 -6.09 -4.69 -16.11
N ARG A 103 -6.11 -3.38 -15.78
CA ARG A 103 -5.27 -2.36 -16.41
C ARG A 103 -3.79 -2.77 -16.28
N LEU A 104 -3.37 -3.20 -15.07
CA LEU A 104 -1.99 -3.65 -14.88
C LEU A 104 -1.70 -4.94 -15.68
N THR A 105 -2.63 -5.90 -15.65
CA THR A 105 -2.44 -7.20 -16.31
C THR A 105 -2.34 -7.05 -17.83
N ALA A 106 -3.07 -6.08 -18.41
CA ALA A 106 -3.00 -5.76 -19.84
C ALA A 106 -1.58 -5.34 -20.21
N ARG A 107 -0.96 -4.53 -19.33
CA ARG A 107 0.42 -4.01 -19.50
C ARG A 107 1.46 -5.11 -19.36
N ILE A 108 1.19 -6.12 -18.48
CA ILE A 108 2.07 -7.28 -18.33
C ILE A 108 2.06 -8.04 -19.66
N LEU A 109 0.86 -8.33 -20.18
CA LEU A 109 0.74 -9.04 -21.46
C LEU A 109 1.43 -8.30 -22.62
N ALA A 110 1.30 -6.94 -22.69
CA ALA A 110 1.95 -6.12 -23.72
C ALA A 110 3.45 -6.19 -23.63
N LYS A 111 4.01 -6.11 -22.39
CA LYS A 111 5.44 -6.20 -22.13
C LYS A 111 6.00 -7.57 -22.50
N GLN A 112 5.26 -8.65 -22.20
CA GLN A 112 5.67 -10.02 -22.53
C GLN A 112 5.84 -10.22 -24.04
N LYS A 113 5.00 -9.52 -24.85
CA LYS A 113 5.07 -9.62 -26.31
C LYS A 113 6.28 -8.84 -26.86
N ILE A 114 6.52 -7.63 -26.36
CA ILE A 114 7.60 -6.76 -26.80
C ILE A 114 8.98 -7.26 -26.32
N HIS A 115 9.04 -7.66 -25.04
CA HIS A 115 10.26 -8.03 -24.36
C HIS A 115 10.10 -9.40 -23.70
N PRO A 116 10.07 -10.52 -24.47
CA PRO A 116 9.92 -11.84 -23.82
C PRO A 116 11.09 -12.26 -22.94
N GLU A 117 12.30 -11.74 -23.21
CA GLU A 117 13.51 -12.06 -22.44
C GLU A 117 13.41 -11.46 -21.04
N ARG A 118 14.25 -11.98 -20.16
CA ARG A 118 14.45 -11.54 -18.79
C ARG A 118 14.81 -10.03 -18.77
N THR A 119 14.13 -9.23 -17.94
CA THR A 119 14.35 -7.79 -17.84
C THR A 119 15.29 -7.45 -16.66
N PRO A 120 15.81 -6.20 -16.56
CA PRO A 120 16.63 -5.83 -15.38
C PRO A 120 15.85 -5.82 -14.05
N SER A 121 14.52 -6.03 -14.11
CA SER A 121 13.62 -6.08 -12.97
C SER A 121 13.52 -7.53 -12.43
N GLU A 122 14.09 -8.50 -13.20
CA GLU A 122 14.01 -9.93 -12.91
C GLU A 122 15.39 -10.54 -12.71
N LYS A 123 16.27 -9.87 -11.97
CA LYS A 123 17.61 -10.40 -11.73
C LYS A 123 17.60 -11.67 -10.83
N LEU A 124 16.55 -11.82 -9.99
CA LEU A 124 16.45 -12.97 -9.08
C LEU A 124 15.18 -13.78 -9.21
N LEU A 125 14.08 -13.13 -9.57
CA LEU A 125 12.81 -13.83 -9.74
C LEU A 125 12.14 -13.28 -10.97
N ALA A 126 11.65 -14.16 -11.82
CA ALA A 126 11.00 -13.79 -13.08
C ALA A 126 9.49 -13.79 -12.88
N VAL A 127 8.78 -12.94 -13.67
CA VAL A 127 7.31 -12.85 -13.67
C VAL A 127 6.71 -14.22 -13.96
N LYS A 128 7.30 -14.96 -14.94
CA LYS A 128 6.86 -16.32 -15.33
C LYS A 128 6.95 -17.32 -14.17
N GLU A 129 7.89 -17.10 -13.23
CA GLU A 129 8.10 -18.00 -12.08
C GLU A 129 7.21 -17.66 -10.88
N PHE A 130 6.42 -16.56 -10.95
CA PHE A 130 5.58 -16.13 -9.81
C PHE A 130 4.70 -17.22 -9.24
N GLU A 131 4.58 -17.25 -7.91
CA GLU A 131 3.70 -18.17 -7.20
C GLU A 131 2.28 -17.67 -7.45
N SER A 132 1.36 -18.59 -7.75
CA SER A 132 -0.01 -18.23 -8.07
C SER A 132 -1.05 -18.65 -7.03
N HIS A 133 -0.81 -19.78 -6.32
CA HIS A 133 -1.82 -20.37 -5.40
C HIS A 133 -3.10 -20.77 -6.16
N LEU A 134 -2.95 -21.13 -7.45
CA LEU A 134 -4.04 -21.57 -8.32
C LEU A 134 -4.85 -22.70 -7.64
N ASP A 135 -4.16 -23.68 -7.01
CA ASP A 135 -4.76 -24.83 -6.33
C ASP A 135 -5.59 -24.47 -5.09
N LYS A 136 -5.31 -23.29 -4.50
CA LYS A 136 -5.95 -22.79 -3.28
C LYS A 136 -7.18 -21.90 -3.50
N LEU A 137 -7.42 -21.53 -4.78
CA LEU A 137 -8.52 -20.65 -5.20
C LEU A 137 -9.89 -21.22 -4.84
N ASP A 138 -10.71 -20.44 -4.12
CA ASP A 138 -12.07 -20.87 -3.79
C ASP A 138 -13.02 -20.34 -4.88
N ASN A 139 -14.35 -20.60 -4.75
CA ASN A 139 -15.34 -20.14 -5.73
C ASN A 139 -15.38 -18.61 -5.86
N GLU A 140 -15.26 -17.89 -4.72
CA GLU A 140 -15.27 -16.43 -4.65
C GLU A 140 -14.10 -15.83 -5.45
N LYS A 141 -12.88 -16.39 -5.29
CA LYS A 141 -11.70 -15.91 -5.97
C LYS A 141 -11.72 -16.25 -7.46
N LYS A 142 -12.20 -17.47 -7.82
CA LYS A 142 -12.31 -17.83 -9.25
C LYS A 142 -13.33 -16.93 -9.97
N ASP A 143 -14.43 -16.55 -9.27
CA ASP A 143 -15.45 -15.65 -9.82
C ASP A 143 -14.89 -14.26 -10.05
N LEU A 144 -14.05 -13.76 -9.11
CA LEU A 144 -13.43 -12.45 -9.24
C LEU A 144 -12.45 -12.47 -10.42
N ILE A 145 -11.61 -13.54 -10.54
CA ILE A 145 -10.67 -13.73 -11.64
C ILE A 145 -11.42 -13.83 -13.00
N GLN A 146 -12.57 -14.54 -13.03
CA GLN A 146 -13.38 -14.64 -14.26
C GLN A 146 -13.94 -13.31 -14.70
N SER A 147 -14.43 -12.46 -13.76
CA SER A 147 -14.87 -11.08 -14.06
C SER A 147 -13.71 -10.29 -14.65
N ASP A 148 -12.48 -10.42 -14.06
CA ASP A 148 -11.28 -9.75 -14.54
C ASP A 148 -10.89 -10.18 -15.96
N ILE A 149 -10.97 -11.50 -16.25
CA ILE A 149 -10.69 -12.04 -17.59
C ILE A 149 -11.69 -11.46 -18.64
N ALA A 150 -12.99 -11.37 -18.25
CA ALA A 150 -14.01 -10.82 -19.15
C ALA A 150 -13.77 -9.34 -19.43
N ALA A 151 -13.31 -8.57 -18.40
CA ALA A 151 -13.00 -7.14 -18.56
C ALA A 151 -11.75 -6.96 -19.43
N LEU A 152 -10.79 -7.89 -19.32
CA LEU A 152 -9.56 -7.86 -20.10
C LEU A 152 -9.91 -7.99 -21.62
N HIS A 153 -10.72 -8.99 -21.99
CA HIS A 153 -11.18 -9.23 -23.36
C HIS A 153 -12.05 -8.04 -23.85
N HIS A 154 -12.91 -7.51 -22.95
CA HIS A 154 -13.84 -6.40 -23.21
C HIS A 154 -13.13 -5.10 -23.59
N PHE A 155 -12.06 -4.75 -22.87
CA PHE A 155 -11.40 -3.48 -23.08
C PHE A 155 -10.02 -3.54 -23.76
N TYR A 156 -9.37 -4.70 -23.84
CA TYR A 156 -7.98 -4.80 -24.31
C TYR A 156 -7.74 -5.81 -25.46
N SER A 157 -8.78 -6.14 -26.25
CA SER A 157 -8.58 -7.10 -27.32
C SER A 157 -7.84 -6.55 -28.56
N LYS A 158 -7.69 -5.21 -28.67
CA LYS A 158 -7.14 -4.59 -29.88
C LYS A 158 -5.71 -4.97 -30.18
N HIS A 159 -4.82 -4.90 -29.17
CA HIS A 159 -3.38 -5.13 -29.35
C HIS A 159 -2.84 -6.39 -28.71
N LEU A 160 -3.65 -7.06 -27.89
CA LEU A 160 -3.21 -8.23 -27.15
C LEU A 160 -3.62 -9.53 -27.82
N GLU A 161 -2.71 -10.52 -27.80
CA GLU A 161 -2.99 -11.87 -28.29
C GLU A 161 -3.10 -12.69 -27.01
N PHE A 162 -4.33 -13.00 -26.61
CA PHE A 162 -4.57 -13.65 -25.33
C PHE A 162 -4.23 -15.14 -25.28
N PRO A 163 -3.65 -15.64 -24.16
CA PRO A 163 -3.49 -17.11 -24.03
C PRO A 163 -4.86 -17.75 -23.71
N ASP A 164 -4.94 -19.05 -23.47
CA ASP A 164 -6.23 -19.66 -23.11
C ASP A 164 -6.70 -19.17 -21.71
N ASN A 165 -7.97 -19.40 -21.37
CA ASN A 165 -8.52 -18.96 -20.08
C ASN A 165 -7.67 -19.49 -18.90
N ASP A 166 -7.20 -20.77 -18.97
CA ASP A 166 -6.38 -21.41 -17.94
C ASP A 166 -5.09 -20.63 -17.64
N SER A 167 -4.40 -20.15 -18.70
CA SER A 167 -3.18 -19.37 -18.50
C SER A 167 -3.51 -18.00 -17.91
N LEU A 168 -4.69 -17.44 -18.24
CA LEU A 168 -5.14 -16.15 -17.71
C LEU A 168 -5.54 -16.24 -16.23
N VAL A 169 -6.10 -17.38 -15.77
CA VAL A 169 -6.46 -17.50 -14.35
C VAL A 169 -5.14 -17.54 -13.53
N VAL A 170 -4.12 -18.29 -14.01
CA VAL A 170 -2.77 -18.37 -13.39
C VAL A 170 -2.16 -16.93 -13.35
N LEU A 171 -2.28 -16.18 -14.44
CA LEU A 171 -1.74 -14.82 -14.49
C LEU A 171 -2.40 -13.88 -13.47
N PHE A 172 -3.74 -13.80 -13.49
CA PHE A 172 -4.48 -12.96 -12.54
C PHE A 172 -4.17 -13.37 -11.09
N ALA A 173 -4.01 -14.69 -10.82
CA ALA A 173 -3.66 -15.15 -9.47
C ALA A 173 -2.23 -14.73 -9.10
N GLN A 174 -1.26 -14.78 -10.05
CA GLN A 174 0.13 -14.38 -9.85
C GLN A 174 0.19 -12.90 -9.53
N VAL A 175 -0.63 -12.10 -10.24
CA VAL A 175 -0.74 -10.64 -10.07
C VAL A 175 -1.29 -10.28 -8.68
N ASN A 176 -2.34 -10.97 -8.22
CA ASN A 176 -2.84 -10.72 -6.84
C ASN A 176 -1.80 -11.10 -5.77
N CYS A 177 -1.03 -12.19 -6.01
CA CYS A 177 -0.05 -12.70 -5.06
CA CYS A 177 0.01 -12.74 -5.13
C CYS A 177 1.23 -11.84 -5.03
N ASN A 178 1.61 -11.25 -6.17
CA ASN A 178 2.86 -10.52 -6.28
C ASN A 178 2.80 -9.03 -6.61
N GLY A 179 1.62 -8.51 -6.92
CA GLY A 179 1.44 -7.11 -7.28
C GLY A 179 1.62 -6.13 -6.13
N PHE A 180 2.09 -4.92 -6.44
CA PHE A 180 2.29 -3.90 -5.42
C PHE A 180 1.41 -2.71 -5.70
N THR A 181 0.89 -2.09 -4.64
CA THR A 181 0.25 -0.79 -4.78
C THR A 181 1.42 0.19 -4.53
N ILE A 182 1.42 1.32 -5.23
CA ILE A 182 2.42 2.38 -4.99
C ILE A 182 1.64 3.50 -4.25
N GLU A 183 2.17 3.95 -3.11
CA GLU A 183 1.58 5.01 -2.27
C GLU A 183 2.53 6.20 -2.30
N ASP A 184 1.99 7.39 -2.03
CA ASP A 184 2.84 8.58 -1.93
C ASP A 184 3.37 8.77 -0.48
N GLU A 185 3.89 9.97 -0.15
CA GLU A 185 4.45 10.23 1.19
C GLU A 185 3.38 10.25 2.30
N GLU A 186 2.13 10.42 1.93
CA GLU A 186 1.01 10.42 2.87
C GLU A 186 0.29 9.08 2.85
N LEU A 187 0.86 8.08 2.14
CA LEU A 187 0.31 6.73 1.97
C LEU A 187 -0.97 6.74 1.13
N SER A 188 -1.12 7.79 0.30
CA SER A 188 -2.25 7.89 -0.60
C SER A 188 -1.97 7.01 -1.83
N HIS A 189 -2.98 6.28 -2.32
CA HIS A 189 -2.83 5.35 -3.45
C HIS A 189 -2.51 6.10 -4.76
N LEU A 190 -1.41 5.73 -5.40
CA LEU A 190 -0.95 6.33 -6.65
C LEU A 190 -1.21 5.43 -7.83
N GLY A 191 -1.01 4.13 -7.63
CA GLY A 191 -1.11 3.17 -8.72
C GLY A 191 -0.71 1.78 -8.29
N SER A 192 -0.52 0.90 -9.27
CA SER A 192 -0.18 -0.52 -9.08
C SER A 192 0.93 -0.88 -10.03
N ALA A 193 1.77 -1.83 -9.62
CA ALA A 193 2.94 -2.21 -10.37
C ALA A 193 3.42 -3.60 -10.06
N ILE A 194 4.27 -4.11 -10.95
CA ILE A 194 4.96 -5.38 -10.79
C ILE A 194 6.45 -5.05 -10.56
N PHE A 195 7.03 -5.52 -9.45
CA PHE A 195 8.45 -5.40 -9.11
C PHE A 195 8.90 -6.85 -8.80
N PRO A 196 9.29 -7.63 -9.83
CA PRO A 196 9.55 -9.07 -9.62
C PRO A 196 10.58 -9.40 -8.55
N ASP A 197 11.72 -8.70 -8.54
CA ASP A 197 12.76 -8.96 -7.53
C ASP A 197 12.31 -8.60 -6.13
N VAL A 198 11.46 -7.57 -5.99
CA VAL A 198 10.94 -7.14 -4.69
C VAL A 198 9.92 -8.19 -4.18
N ALA A 199 9.15 -8.80 -5.12
CA ALA A 199 8.15 -9.81 -4.77
C ALA A 199 8.81 -11.13 -4.30
N LEU A 200 10.15 -11.30 -4.45
CA LEU A 200 10.84 -12.48 -3.92
C LEU A 200 10.81 -12.47 -2.40
N MET A 201 10.79 -11.27 -1.79
CA MET A 201 10.83 -11.18 -0.32
C MET A 201 9.57 -11.70 0.35
N ASN A 202 9.77 -12.53 1.35
CA ASN A 202 8.73 -13.09 2.20
C ASN A 202 8.29 -12.07 3.25
N HIS A 203 7.17 -12.39 3.91
CA HIS A 203 6.56 -11.54 4.92
C HIS A 203 6.99 -11.84 6.36
N SER A 204 7.03 -10.77 7.17
CA SER A 204 7.16 -10.83 8.62
C SER A 204 6.42 -9.63 9.20
N CYS A 205 5.82 -9.80 10.38
CA CYS A 205 5.16 -8.74 11.16
C CYS A 205 6.21 -7.92 11.95
N CYS A 206 7.48 -8.39 11.97
CA CYS A 206 8.62 -7.63 12.53
C CYS A 206 9.67 -7.59 11.40
N PRO A 207 9.34 -6.88 10.29
CA PRO A 207 10.25 -6.86 9.13
C PRO A 207 11.60 -6.19 9.38
N ASN A 208 12.58 -6.56 8.56
CA ASN A 208 13.90 -5.96 8.67
C ASN A 208 14.13 -5.02 7.50
N VAL A 209 13.16 -4.91 6.57
CA VAL A 209 13.19 -3.93 5.47
C VAL A 209 11.85 -3.25 5.27
N ILE A 210 11.90 -2.07 4.60
CA ILE A 210 10.73 -1.35 4.14
C ILE A 210 10.88 -1.06 2.64
N VAL A 211 9.77 -1.19 1.91
CA VAL A 211 9.76 -0.87 0.51
C VAL A 211 9.21 0.57 0.36
N THR A 212 9.91 1.42 -0.39
CA THR A 212 9.42 2.76 -0.71
C THR A 212 9.56 2.91 -2.23
N TYR A 213 9.01 4.02 -2.78
CA TYR A 213 9.01 4.33 -4.21
C TYR A 213 9.58 5.69 -4.51
N LYS A 214 10.40 5.76 -5.58
CA LYS A 214 11.01 6.97 -6.09
C LYS A 214 10.48 7.04 -7.55
N GLY A 215 9.30 7.63 -7.71
CA GLY A 215 8.59 7.59 -8.99
C GLY A 215 8.08 6.17 -9.16
N THR A 216 8.52 5.46 -10.22
CA THR A 216 8.10 4.06 -10.47
C THR A 216 9.20 3.06 -10.02
N LEU A 217 10.26 3.55 -9.40
CA LEU A 217 11.37 2.70 -8.94
C LEU A 217 11.11 2.27 -7.50
N ALA A 218 11.07 0.95 -7.24
CA ALA A 218 10.94 0.47 -5.86
C ALA A 218 12.36 0.45 -5.24
N GLU A 219 12.47 0.86 -3.97
CA GLU A 219 13.72 0.86 -3.20
C GLU A 219 13.48 0.05 -1.93
N VAL A 220 14.47 -0.74 -1.52
CA VAL A 220 14.36 -1.62 -0.35
C VAL A 220 15.45 -1.24 0.67
N ARG A 221 15.04 -0.74 1.83
CA ARG A 221 15.98 -0.31 2.85
C ARG A 221 15.80 -1.03 4.16
N ALA A 222 16.92 -1.30 4.84
CA ALA A 222 16.92 -1.97 6.17
C ALA A 222 16.31 -1.06 7.25
N VAL A 223 15.46 -1.64 8.10
CA VAL A 223 14.88 -0.97 9.27
C VAL A 223 15.35 -1.65 10.58
N GLN A 224 16.17 -2.69 10.42
CA GLN A 224 16.82 -3.47 11.48
C GLN A 224 18.15 -3.88 10.85
N GLU A 225 19.16 -4.17 11.67
CA GLU A 225 20.44 -4.65 11.19
C GLU A 225 20.22 -6.07 10.60
N ILE A 226 20.81 -6.34 9.45
CA ILE A 226 20.68 -7.65 8.79
C ILE A 226 22.08 -8.23 8.67
N LYS A 227 22.25 -9.50 9.03
CA LYS A 227 23.57 -10.13 8.99
C LYS A 227 23.64 -11.22 7.92
N PRO A 228 24.84 -11.56 7.39
CA PRO A 228 24.94 -12.65 6.40
C PRO A 228 24.26 -13.93 6.86
N GLY A 229 23.46 -14.51 5.98
CA GLY A 229 22.70 -15.74 6.25
C GLY A 229 21.26 -15.47 6.65
N GLU A 230 20.98 -14.23 7.09
CA GLU A 230 19.62 -13.88 7.49
C GLU A 230 18.70 -13.61 6.30
N GLU A 231 17.44 -14.06 6.42
CA GLU A 231 16.44 -13.83 5.43
C GLU A 231 15.96 -12.38 5.52
N VAL A 232 15.66 -11.79 4.36
CA VAL A 232 15.15 -10.42 4.22
C VAL A 232 13.63 -10.47 4.17
N PHE A 233 12.96 -9.85 5.17
CA PHE A 233 11.50 -9.79 5.27
C PHE A 233 10.95 -8.37 5.24
N THR A 234 9.84 -8.21 4.56
CA THR A 234 9.09 -6.98 4.45
C THR A 234 7.70 -7.30 5.03
N SER A 235 6.91 -6.28 5.39
CA SER A 235 5.56 -6.54 5.85
C SER A 235 4.63 -6.39 4.66
N TYR A 236 3.73 -7.37 4.47
CA TYR A 236 2.77 -7.36 3.37
C TYR A 236 1.51 -6.58 3.77
N ILE A 237 1.31 -6.32 5.07
CA ILE A 237 0.06 -5.76 5.57
C ILE A 237 0.25 -4.63 6.58
N ASP A 238 -0.86 -3.99 6.96
CA ASP A 238 -0.92 -2.96 7.98
C ASP A 238 -0.68 -3.65 9.33
N LEU A 239 0.43 -3.29 9.99
CA LEU A 239 0.84 -3.89 11.26
C LEU A 239 0.15 -3.34 12.51
N LEU A 240 -0.85 -2.44 12.35
CA LEU A 240 -1.58 -1.90 13.52
C LEU A 240 -2.36 -2.98 14.28
N TYR A 241 -2.94 -3.92 13.55
CA TYR A 241 -3.92 -4.87 14.05
C TYR A 241 -3.35 -6.02 14.88
N PRO A 242 -4.19 -6.64 15.76
CA PRO A 242 -3.70 -7.79 16.55
C PRO A 242 -3.48 -9.03 15.67
N THR A 243 -2.81 -10.05 16.23
CA THR A 243 -2.36 -11.26 15.54
C THR A 243 -3.47 -11.96 14.72
N GLU A 244 -4.65 -12.19 15.31
CA GLU A 244 -5.73 -12.84 14.60
C GLU A 244 -6.15 -12.09 13.33
N ASP A 245 -6.32 -10.76 13.46
CA ASP A 245 -6.68 -9.88 12.31
C ASP A 245 -5.63 -9.94 11.21
N ARG A 246 -4.36 -9.84 11.59
CA ARG A 246 -3.23 -9.88 10.66
C ARG A 246 -3.21 -11.17 9.82
N ASN A 247 -3.38 -12.32 10.51
CA ASN A 247 -3.36 -13.65 9.92
C ASN A 247 -4.63 -13.93 9.13
N ASP A 248 -5.77 -13.31 9.48
CA ASP A 248 -7.00 -13.42 8.69
C ASP A 248 -6.76 -12.74 7.33
N ARG A 249 -6.08 -11.58 7.36
CA ARG A 249 -5.74 -10.86 6.14
C ARG A 249 -4.66 -11.62 5.31
N LEU A 250 -3.61 -12.16 5.97
CA LEU A 250 -2.57 -12.92 5.27
C LEU A 250 -3.13 -14.20 4.65
N ARG A 251 -4.07 -14.88 5.34
CA ARG A 251 -4.70 -16.10 4.80
C ARG A 251 -5.57 -15.76 3.60
N ASP A 252 -6.40 -14.72 3.71
CA ASP A 252 -7.30 -14.29 2.63
C ASP A 252 -6.56 -13.77 1.38
N SER A 253 -5.57 -12.89 1.55
CA SER A 253 -4.90 -12.31 0.39
C SER A 253 -3.66 -13.06 -0.10
N TYR A 254 -2.97 -13.81 0.79
CA TYR A 254 -1.70 -14.48 0.46
C TYR A 254 -1.63 -15.95 0.79
N PHE A 255 -2.74 -16.55 1.24
CA PHE A 255 -2.90 -17.98 1.49
C PHE A 255 -1.87 -18.59 2.46
N PHE A 256 -1.46 -17.86 3.49
CA PHE A 256 -0.53 -18.42 4.48
C PHE A 256 -0.80 -17.80 5.84
N THR A 257 -0.29 -18.44 6.88
CA THR A 257 -0.34 -17.96 8.26
C THR A 257 1.10 -17.68 8.67
N CYS A 258 1.31 -16.49 9.18
CA CYS A 258 2.60 -16.03 9.65
C CYS A 258 2.90 -16.64 10.99
N GLU A 259 4.17 -17.02 11.17
CA GLU A 259 4.68 -17.54 12.44
C GLU A 259 5.86 -16.67 12.93
N CYS A 260 5.93 -15.39 12.54
CA CYS A 260 7.03 -14.54 13.05
C CYS A 260 6.96 -14.37 14.58
N GLN A 261 7.98 -13.71 15.16
CA GLN A 261 8.02 -13.51 16.62
C GLN A 261 6.79 -12.78 17.16
N GLU A 262 6.26 -11.80 16.42
CA GLU A 262 5.05 -11.05 16.81
C GLU A 262 3.79 -11.95 16.86
N CYS A 263 3.64 -12.81 15.84
CA CYS A 263 2.54 -13.76 15.72
C CYS A 263 2.63 -14.93 16.74
N THR A 264 3.87 -15.32 17.07
CA THR A 264 4.11 -16.42 18.02
C THR A 264 3.91 -15.95 19.47
N THR A 265 4.55 -14.86 19.83
CA THR A 265 4.52 -14.30 21.18
C THR A 265 3.18 -13.60 21.49
N LYS A 266 2.59 -12.92 20.46
CA LYS A 266 1.36 -12.11 20.51
C LYS A 266 1.55 -10.95 21.51
N ASP A 267 2.82 -10.47 21.71
CA ASP A 267 3.20 -9.45 22.69
C ASP A 267 2.35 -8.20 22.69
N LYS A 268 2.08 -7.64 21.50
CA LYS A 268 1.36 -6.39 21.33
C LYS A 268 -0.16 -6.53 21.32
N ASP A 269 -0.70 -7.77 21.29
CA ASP A 269 -2.15 -8.00 21.23
C ASP A 269 -2.94 -7.38 22.41
N LYS A 270 -2.41 -7.47 23.65
CA LYS A 270 -3.05 -6.93 24.86
C LYS A 270 -3.26 -5.41 24.76
N ALA A 271 -2.18 -4.64 24.50
CA ALA A 271 -2.23 -3.18 24.32
C ALA A 271 -3.04 -2.78 23.09
N LYS A 272 -2.99 -3.59 21.99
CA LYS A 272 -3.75 -3.29 20.77
C LYS A 272 -5.25 -3.35 21.04
N VAL A 273 -5.70 -4.33 21.83
CA VAL A 273 -7.12 -4.45 22.19
C VAL A 273 -7.29 -4.03 23.69
N GLU A 274 -6.74 -2.87 24.05
CA GLU A 274 -6.79 -2.29 25.39
C GLU A 274 -8.23 -2.08 25.88
N ILE A 275 -8.50 -2.58 27.08
CA ILE A 275 -9.79 -2.52 27.73
C ILE A 275 -9.76 -1.46 28.85
N ARG A 276 -10.88 -0.73 29.01
CA ARG A 276 -11.05 0.29 30.05
C ARG A 276 -10.92 -0.34 31.46
N LYS A 277 -10.23 0.36 32.39
CA LYS A 277 -10.04 -0.10 33.78
C LYS A 277 -11.26 0.33 34.63
N LEU A 278 -12.39 -0.37 34.44
CA LEU A 278 -13.65 -0.07 35.12
C LEU A 278 -13.76 -0.76 36.48
N SER A 279 -14.51 -0.13 37.42
CA SER A 279 -14.77 -0.62 38.78
C SER A 279 -15.27 -2.07 38.71
N ASP A 280 -16.28 -2.31 37.83
CA ASP A 280 -16.78 -3.63 37.51
C ASP A 280 -16.09 -3.93 36.16
N PRO A 281 -14.99 -4.74 36.16
CA PRO A 281 -14.27 -4.99 34.89
C PRO A 281 -15.12 -5.69 33.83
N PRO A 282 -14.97 -5.34 32.53
CA PRO A 282 -15.78 -6.00 31.50
C PRO A 282 -15.46 -7.48 31.36
N LYS A 283 -16.52 -8.29 31.28
CA LYS A 283 -16.48 -9.75 31.17
C LYS A 283 -15.83 -10.18 29.84
N ALA A 284 -15.19 -11.37 29.82
CA ALA A 284 -14.53 -11.94 28.64
C ALA A 284 -15.47 -11.96 27.43
N GLU A 285 -16.72 -12.47 27.60
CA GLU A 285 -17.71 -12.51 26.52
C GLU A 285 -18.13 -11.11 26.05
N ALA A 286 -18.13 -10.10 26.96
CA ALA A 286 -18.46 -8.69 26.65
C ALA A 286 -17.35 -8.08 25.79
N ILE A 287 -16.08 -8.51 25.98
CA ILE A 287 -14.92 -8.08 25.20
C ILE A 287 -15.08 -8.65 23.79
N ARG A 288 -15.30 -9.99 23.70
CA ARG A 288 -15.44 -10.76 22.46
C ARG A 288 -16.57 -10.23 21.57
N ASP A 289 -17.68 -9.77 22.19
CA ASP A 289 -18.84 -9.16 21.50
C ASP A 289 -18.43 -7.84 20.87
N MET A 290 -17.66 -7.03 21.61
CA MET A 290 -17.19 -5.74 21.10
C MET A 290 -16.14 -5.89 19.99
N VAL A 291 -15.25 -6.91 20.09
CA VAL A 291 -14.24 -7.22 19.04
C VAL A 291 -14.99 -7.61 17.75
N ARG A 292 -16.06 -8.42 17.89
CA ARG A 292 -16.90 -8.86 16.77
C ARG A 292 -17.62 -7.65 16.16
N TYR A 293 -18.20 -6.76 17.00
CA TYR A 293 -18.89 -5.54 16.57
C TYR A 293 -17.91 -4.63 15.81
N ALA A 294 -16.69 -4.46 16.37
CA ALA A 294 -15.60 -3.64 15.83
C ALA A 294 -15.20 -4.07 14.41
N ARG A 295 -15.01 -5.38 14.18
CA ARG A 295 -14.68 -5.92 12.84
C ARG A 295 -15.85 -5.71 11.86
N ASN A 296 -17.12 -5.84 12.34
CA ASN A 296 -18.33 -5.64 11.53
C ASN A 296 -18.49 -4.17 11.10
N VAL A 297 -18.22 -3.19 12.01
CA VAL A 297 -18.33 -1.76 11.64
C VAL A 297 -17.22 -1.38 10.65
N ILE A 298 -16.01 -1.97 10.80
CA ILE A 298 -14.90 -1.72 9.87
C ILE A 298 -15.36 -2.06 8.43
N GLU A 299 -16.05 -3.21 8.27
CA GLU A 299 -16.55 -3.69 6.99
C GLU A 299 -17.73 -2.85 6.49
N GLU A 300 -18.63 -2.48 7.42
CA GLU A 300 -19.80 -1.66 7.14
C GLU A 300 -19.35 -0.29 6.60
N PHE A 301 -18.38 0.36 7.29
CA PHE A 301 -17.84 1.67 6.87
C PHE A 301 -17.19 1.57 5.48
N ARG A 302 -16.38 0.51 5.25
CA ARG A 302 -15.68 0.21 3.98
C ARG A 302 -16.70 0.24 2.81
N ARG A 303 -17.88 -0.37 3.00
CA ARG A 303 -18.93 -0.38 1.99
C ARG A 303 -19.59 1.00 1.89
N ALA A 304 -19.90 1.62 3.04
CA ALA A 304 -20.57 2.91 3.15
C ALA A 304 -19.84 4.07 2.47
N LYS A 305 -18.49 4.10 2.44
CA LYS A 305 -17.79 5.22 1.79
C LYS A 305 -18.07 5.32 0.27
N HIS A 306 -18.57 4.24 -0.34
CA HIS A 306 -18.93 4.19 -1.76
C HIS A 306 -20.24 4.91 -2.10
N TYR A 307 -21.15 5.12 -1.10
CA TYR A 307 -22.44 5.74 -1.40
C TYR A 307 -23.01 6.70 -0.30
N LYS A 308 -22.47 6.67 0.94
CA LYS A 308 -23.01 7.54 2.00
C LYS A 308 -22.42 8.97 1.94
N SER A 309 -23.14 9.97 2.48
CA SER A 309 -22.69 11.37 2.48
C SER A 309 -21.55 11.58 3.53
N PRO A 310 -20.72 12.65 3.46
CA PRO A 310 -19.68 12.86 4.48
C PRO A 310 -20.20 12.92 5.92
N SER A 311 -21.41 13.50 6.15
CA SER A 311 -22.02 13.55 7.47
C SER A 311 -22.48 12.16 7.97
N GLU A 312 -22.97 11.28 7.05
CA GLU A 312 -23.40 9.91 7.37
C GLU A 312 -22.16 9.09 7.76
N LEU A 313 -21.06 9.27 7.02
CA LEU A 313 -19.79 8.59 7.26
C LEU A 313 -19.18 8.97 8.61
N LEU A 314 -19.21 10.27 8.95
CA LEU A 314 -18.72 10.79 10.21
C LEU A 314 -19.60 10.29 11.35
N GLU A 315 -20.93 10.12 11.09
CA GLU A 315 -21.89 9.60 12.05
C GLU A 315 -21.52 8.17 12.43
N ILE A 316 -21.19 7.33 11.43
CA ILE A 316 -20.77 5.92 11.65
C ILE A 316 -19.54 5.89 12.56
N CYS A 317 -18.54 6.78 12.31
CA CYS A 317 -17.31 6.90 13.11
C CYS A 317 -17.61 7.30 14.55
N GLU A 318 -18.35 8.42 14.74
CA GLU A 318 -18.74 8.94 16.05
C GLU A 318 -19.57 7.94 16.85
N LEU A 319 -20.65 7.41 16.25
CA LEU A 319 -21.56 6.46 16.91
C LEU A 319 -20.87 5.16 17.30
N SER A 320 -20.03 4.58 16.41
CA SER A 320 -19.29 3.35 16.69
C SER A 320 -18.22 3.58 17.77
N GLN A 321 -17.54 4.75 17.77
CA GLN A 321 -16.55 5.08 18.80
C GLN A 321 -17.23 5.18 20.16
N GLU A 322 -18.46 5.74 20.19
CA GLU A 322 -19.26 5.89 21.40
C GLU A 322 -19.64 4.53 21.99
N LYS A 323 -20.12 3.60 21.15
CA LYS A 323 -20.48 2.25 21.61
C LYS A 323 -19.23 1.50 22.10
N MET A 324 -18.12 1.58 21.35
CA MET A 324 -16.86 0.92 21.69
C MET A 324 -16.19 1.44 22.96
N SER A 325 -16.33 2.77 23.26
CA SER A 325 -15.70 3.44 24.41
C SER A 325 -16.14 2.94 25.79
N SER A 326 -17.28 2.25 25.87
CA SER A 326 -17.82 1.66 27.11
C SER A 326 -16.95 0.47 27.56
N VAL A 327 -16.27 -0.20 26.59
CA VAL A 327 -15.43 -1.40 26.80
C VAL A 327 -13.94 -1.08 26.49
N PHE A 328 -13.68 -0.44 25.33
CA PHE A 328 -12.36 -0.11 24.78
C PHE A 328 -11.77 1.23 25.18
N GLU A 329 -10.43 1.25 25.35
CA GLU A 329 -9.63 2.44 25.65
C GLU A 329 -9.43 3.19 24.32
N ASP A 330 -9.10 4.49 24.36
CA ASP A 330 -8.90 5.31 23.17
C ASP A 330 -7.73 4.84 22.30
N SER A 331 -6.70 4.27 22.95
CA SER A 331 -5.50 3.72 22.32
C SER A 331 -5.73 2.34 21.68
N ASN A 332 -6.93 1.74 21.87
CA ASN A 332 -7.33 0.46 21.28
C ASN A 332 -7.42 0.63 19.75
N VAL A 333 -6.89 -0.33 18.98
CA VAL A 333 -6.77 -0.26 17.51
C VAL A 333 -8.13 -0.13 16.78
N TYR A 334 -9.23 -0.65 17.36
CA TYR A 334 -10.55 -0.52 16.74
C TYR A 334 -11.07 0.91 16.86
N MET A 335 -10.73 1.60 17.98
CA MET A 335 -11.07 3.01 18.21
C MET A 335 -10.27 3.86 17.21
N LEU A 336 -8.95 3.56 17.12
CA LEU A 336 -7.98 4.20 16.23
C LEU A 336 -8.39 4.05 14.77
N HIS A 337 -8.91 2.87 14.38
CA HIS A 337 -9.36 2.64 12.99
C HIS A 337 -10.45 3.64 12.62
N MET A 338 -11.49 3.78 13.47
CA MET A 338 -12.60 4.72 13.21
C MET A 338 -12.15 6.18 13.19
N MET A 339 -11.26 6.58 14.10
CA MET A 339 -10.68 7.93 14.19
C MET A 339 -9.91 8.26 12.90
N TYR A 340 -9.14 7.29 12.37
CA TYR A 340 -8.36 7.44 11.13
C TYR A 340 -9.34 7.63 9.94
N GLN A 341 -10.42 6.82 9.91
CA GLN A 341 -11.45 6.94 8.88
C GLN A 341 -12.13 8.31 8.97
N ALA A 342 -12.45 8.77 10.18
CA ALA A 342 -13.06 10.10 10.43
C ALA A 342 -12.10 11.25 10.03
N MET A 343 -10.79 11.10 10.34
CA MET A 343 -9.77 12.06 9.92
C MET A 343 -9.75 12.16 8.38
N GLY A 344 -9.80 11.02 7.69
CA GLY A 344 -9.86 10.92 6.23
C GLY A 344 -11.08 11.63 5.65
N VAL A 345 -12.26 11.48 6.30
CA VAL A 345 -13.46 12.19 5.81
C VAL A 345 -13.24 13.71 5.97
N CYS A 346 -12.73 14.14 7.15
CA CYS A 346 -12.42 15.55 7.40
C CYS A 346 -11.46 16.11 6.35
N LEU A 347 -10.37 15.36 6.06
CA LEU A 347 -9.39 15.84 5.05
C LEU A 347 -10.08 16.08 3.68
N TYR A 348 -10.94 15.14 3.25
CA TYR A 348 -11.68 15.26 2.00
C TYR A 348 -12.58 16.51 1.99
N MET A 349 -13.29 16.75 3.11
CA MET A 349 -14.18 17.91 3.24
C MET A 349 -13.38 19.20 3.41
N GLN A 350 -12.04 19.10 3.48
CA GLN A 350 -11.13 20.24 3.71
C GLN A 350 -11.45 20.89 5.10
N ASP A 351 -11.91 20.04 6.04
CA ASP A 351 -12.16 20.44 7.43
C ASP A 351 -10.81 20.19 8.15
N TRP A 352 -9.88 21.13 7.97
CA TRP A 352 -8.53 20.99 8.50
C TRP A 352 -8.48 20.89 10.03
N GLU A 353 -9.31 21.69 10.74
CA GLU A 353 -9.40 21.67 12.20
C GLU A 353 -9.88 20.32 12.71
N GLY A 354 -10.90 19.76 12.06
CA GLY A 354 -11.47 18.47 12.38
C GLY A 354 -10.49 17.34 12.17
N ALA A 355 -9.75 17.40 11.04
CA ALA A 355 -8.72 16.42 10.69
C ALA A 355 -7.60 16.46 11.74
N LEU A 356 -7.16 17.67 12.13
CA LEU A 356 -6.13 17.87 13.16
C LEU A 356 -6.59 17.28 14.52
N GLN A 357 -7.85 17.57 14.92
CA GLN A 357 -8.51 17.10 16.15
C GLN A 357 -8.33 15.57 16.26
N TYR A 358 -8.59 14.82 15.16
CA TYR A 358 -8.43 13.37 15.13
C TYR A 358 -6.99 12.91 15.12
N GLY A 359 -6.17 13.50 14.26
CA GLY A 359 -4.75 13.14 14.11
C GLY A 359 -3.96 13.21 15.41
N GLN A 360 -4.28 14.22 16.23
CA GLN A 360 -3.63 14.43 17.53
C GLN A 360 -3.91 13.24 18.47
N LYS A 361 -5.12 12.64 18.40
CA LYS A 361 -5.51 11.48 19.22
C LYS A 361 -4.91 10.15 18.74
N ILE A 362 -4.58 10.07 17.45
CA ILE A 362 -4.06 8.87 16.82
C ILE A 362 -2.53 8.65 16.98
N ILE A 363 -1.76 9.76 16.89
CA ILE A 363 -0.29 9.72 16.77
C ILE A 363 0.43 8.95 17.93
N LYS A 364 0.14 9.24 19.23
CA LYS A 364 0.86 8.53 20.30
C LYS A 364 0.54 7.03 20.31
N PRO A 365 -0.74 6.58 20.25
CA PRO A 365 -0.99 5.13 20.14
C PRO A 365 -0.38 4.46 18.89
N TYR A 366 -0.29 5.19 17.75
CA TYR A 366 0.34 4.66 16.52
C TYR A 366 1.80 4.30 16.78
N SER A 367 2.54 5.23 17.40
CA SER A 367 3.96 5.07 17.76
C SER A 367 4.18 3.86 18.65
N LYS A 368 3.24 3.57 19.55
CA LYS A 368 3.39 2.45 20.44
C LYS A 368 3.00 1.10 19.78
N HIS A 369 2.03 1.08 18.82
CA HIS A 369 1.62 -0.18 18.19
C HIS A 369 2.45 -0.60 16.98
N TYR A 370 2.96 0.37 16.23
CA TYR A 370 3.72 0.09 15.01
C TYR A 370 5.20 -0.13 15.30
N PRO A 371 5.94 -0.79 14.37
CA PRO A 371 7.39 -0.99 14.59
C PRO A 371 8.16 0.31 14.65
N LEU A 372 9.42 0.24 15.13
CA LEU A 372 10.31 1.38 15.29
C LEU A 372 10.33 2.31 14.09
N TYR A 373 10.48 1.78 12.88
CA TYR A 373 10.46 2.63 11.71
C TYR A 373 9.22 2.14 10.94
N SER A 374 8.26 3.03 10.82
CA SER A 374 6.98 2.66 10.23
C SER A 374 6.53 3.73 9.26
N LEU A 375 6.11 3.33 8.05
CA LEU A 375 5.58 4.31 7.07
C LEU A 375 4.26 4.91 7.58
N ASN A 376 3.46 4.09 8.32
CA ASN A 376 2.18 4.54 8.88
C ASN A 376 2.40 5.64 9.91
N VAL A 377 3.46 5.49 10.77
CA VAL A 377 3.81 6.50 11.76
C VAL A 377 4.35 7.77 11.06
N ALA A 378 5.30 7.61 10.11
CA ALA A 378 5.90 8.75 9.39
C ALA A 378 4.81 9.59 8.68
N SER A 379 3.87 8.90 8.02
CA SER A 379 2.77 9.51 7.24
C SER A 379 1.82 10.30 8.15
N MET A 380 1.52 9.76 9.36
CA MET A 380 0.66 10.44 10.33
C MET A 380 1.38 11.70 10.83
N TRP A 381 2.70 11.60 11.16
CA TRP A 381 3.45 12.79 11.60
C TRP A 381 3.42 13.88 10.51
N LEU A 382 3.61 13.45 9.26
CA LEU A 382 3.62 14.33 8.08
C LEU A 382 2.28 15.09 7.87
N LYS A 383 1.14 14.36 7.91
CA LYS A 383 -0.22 14.91 7.82
C LYS A 383 -0.45 15.95 8.92
N LEU A 384 -0.07 15.61 10.17
CA LEU A 384 -0.18 16.45 11.36
C LEU A 384 0.64 17.74 11.15
N GLY A 385 1.90 17.59 10.70
CA GLY A 385 2.78 18.73 10.43
C GLY A 385 2.17 19.65 9.40
N ARG A 386 1.64 19.08 8.30
CA ARG A 386 1.00 19.86 7.23
C ARG A 386 -0.28 20.52 7.69
N LEU A 387 -1.06 19.85 8.56
CA LEU A 387 -2.27 20.46 9.11
C LEU A 387 -1.90 21.61 10.01
N TYR A 388 -0.92 21.40 10.92
CA TYR A 388 -0.43 22.46 11.82
C TYR A 388 0.09 23.66 11.01
N MET A 389 0.91 23.39 9.96
CA MET A 389 1.47 24.45 9.09
C MET A 389 0.35 25.22 8.39
N GLY A 390 -0.61 24.49 7.81
CA GLY A 390 -1.75 25.10 7.13
C GLY A 390 -2.62 25.96 8.05
N LEU A 391 -2.69 25.59 9.34
CA LEU A 391 -3.48 26.33 10.36
C LEU A 391 -2.66 27.34 11.17
N GLU A 392 -1.49 27.75 10.65
CA GLU A 392 -0.62 28.78 11.23
C GLU A 392 0.05 28.40 12.58
N HIS A 393 0.09 27.10 12.93
CA HIS A 393 0.74 26.61 14.16
C HIS A 393 2.10 26.06 13.72
N LYS A 394 2.99 26.99 13.29
CA LYS A 394 4.29 26.72 12.67
C LYS A 394 5.30 26.01 13.57
N ALA A 395 5.35 26.31 14.88
CA ALA A 395 6.28 25.59 15.76
C ALA A 395 5.85 24.11 15.88
N ALA A 396 4.55 23.83 16.13
CA ALA A 396 4.03 22.47 16.22
C ALA A 396 4.18 21.74 14.87
N GLY A 397 3.96 22.47 13.76
CA GLY A 397 4.10 21.94 12.41
C GLY A 397 5.53 21.52 12.13
N GLU A 398 6.49 22.40 12.44
CA GLU A 398 7.92 22.11 12.26
C GLU A 398 8.38 20.89 13.06
N LYS A 399 7.93 20.78 14.33
CA LYS A 399 8.23 19.62 15.20
C LYS A 399 7.70 18.31 14.56
N ALA A 400 6.43 18.30 14.11
CA ALA A 400 5.83 17.10 13.51
C ALA A 400 6.49 16.74 12.15
N LEU A 401 6.83 17.75 11.33
CA LEU A 401 7.50 17.54 10.04
C LEU A 401 8.87 16.92 10.22
N LYS A 402 9.60 17.33 11.28
CA LYS A 402 10.90 16.80 11.64
C LYS A 402 10.80 15.36 12.22
N LYS A 403 9.67 15.02 12.88
CA LYS A 403 9.41 13.63 13.31
C LYS A 403 9.20 12.75 12.07
N ALA A 404 8.44 13.25 11.05
CA ALA A 404 8.24 12.52 9.78
C ALA A 404 9.61 12.29 9.09
N ILE A 405 10.42 13.36 8.94
CA ILE A 405 11.76 13.32 8.32
C ILE A 405 12.65 12.27 8.98
N ALA A 406 12.72 12.22 10.33
CA ALA A 406 13.59 11.27 11.06
C ALA A 406 13.29 9.80 10.70
N ILE A 407 12.00 9.45 10.53
CA ILE A 407 11.65 8.08 10.11
C ILE A 407 11.94 7.91 8.62
N MET A 408 11.58 8.91 7.81
CA MET A 408 11.69 8.83 6.35
C MET A 408 13.14 8.77 5.88
N GLU A 409 14.07 9.36 6.64
CA GLU A 409 15.50 9.30 6.31
C GLU A 409 15.95 7.83 6.30
N VAL A 410 15.40 7.01 7.22
CA VAL A 410 15.74 5.59 7.30
C VAL A 410 15.03 4.83 6.16
N ALA A 411 13.68 4.95 6.06
CA ALA A 411 12.88 4.22 5.08
C ALA A 411 13.03 4.67 3.63
N HIS A 412 13.00 5.98 3.34
CA HIS A 412 13.08 6.54 1.98
C HIS A 412 14.50 6.93 1.53
N GLY A 413 15.43 7.04 2.46
CA GLY A 413 16.79 7.48 2.18
C GLY A 413 16.90 8.98 2.46
N LYS A 414 18.05 9.43 3.02
CA LYS A 414 18.29 10.83 3.39
C LYS A 414 18.07 11.82 2.24
N ASP A 415 18.37 11.38 1.02
CA ASP A 415 18.32 12.13 -0.24
C ASP A 415 17.00 12.02 -1.00
N HIS A 416 15.96 11.40 -0.41
CA HIS A 416 14.69 11.23 -1.14
C HIS A 416 14.03 12.56 -1.53
N PRO A 417 13.55 12.71 -2.79
CA PRO A 417 12.79 13.93 -3.17
C PRO A 417 11.67 14.31 -2.16
N TYR A 418 10.98 13.31 -1.52
CA TYR A 418 9.95 13.64 -0.52
C TYR A 418 10.51 14.45 0.66
N ILE A 419 11.73 14.12 1.09
CA ILE A 419 12.38 14.82 2.22
C ILE A 419 12.78 16.24 1.79
N SER A 420 13.25 16.42 0.53
CA SER A 420 13.57 17.76 -0.02
C SER A 420 12.31 18.62 -0.02
N GLU A 421 11.14 18.04 -0.39
CA GLU A 421 9.87 18.78 -0.36
C GLU A 421 9.52 19.20 1.08
N ILE A 422 9.63 18.27 2.06
CA ILE A 422 9.30 18.56 3.46
C ILE A 422 10.21 19.68 4.02
N LYS A 423 11.54 19.61 3.74
CA LYS A 423 12.51 20.63 4.19
C LYS A 423 12.17 21.99 3.58
N GLN A 424 11.76 22.03 2.28
CA GLN A 424 11.32 23.27 1.61
C GLN A 424 10.08 23.83 2.32
N GLU A 425 9.16 22.94 2.80
CA GLU A 425 7.96 23.35 3.56
C GLU A 425 8.38 23.99 4.89
N ILE A 426 9.37 23.40 5.58
CA ILE A 426 9.91 23.95 6.84
C ILE A 426 10.57 25.33 6.60
N GLU A 427 11.41 25.46 5.55
CA GLU A 427 12.15 26.68 5.23
C GLU A 427 11.25 27.81 4.67
N SER A 428 10.25 27.49 3.81
CA SER A 428 9.32 28.49 3.25
C SER A 428 8.41 29.11 4.33
N HIS A 429 8.19 28.38 5.44
CA HIS A 429 7.37 28.84 6.57
C HIS A 429 8.04 28.51 7.91
#